data_1GP5
#
_entry.id   1GP5
#
_cell.length_a   62.033
_cell.length_b   74.362
_cell.length_c   88.109
_cell.angle_alpha   90.00
_cell.angle_beta   90.00
_cell.angle_gamma   90.00
#
_symmetry.space_group_name_H-M   'P 21 21 21'
#
loop_
_entity.id
_entity.type
_entity.pdbx_description
1 polymer 'LEUCOANTHOCYANIDIN DIOXYGENASE'
2 non-polymer '2-OXOGLUTARIC ACID'
3 non-polymer '2-(N-MORPHOLINO)-ETHANESULFONIC ACID'
4 non-polymer (2R,3R)-2-(3,4-DIHYDROXYPHENYL)-3,5,7-TRIHYDROXY-2,3-DIHYDRO-4H-CHROMEN-4-ONE
5 non-polymer (2S,3S)-2-(3,4-DIHYDROXYPHENYL)-3,5,7-TRIHYDROXY-2,3-DIHYDRO-4H-CHROMEN-4-ONE
6 non-polymer 'FE (III) ION'
7 water water
#
_entity_poly.entity_id   1
_entity_poly.type   'polypeptide(L)'
_entity_poly.pdbx_seq_one_letter_code
;MVAVERVESLAKSGIISIPKEYIRPKEELESINDVFLEEKKEDGPQVPTIDLKNIESDDEKIRENCIEELKKASLDWGVM
HLINHGIPADLMERVKKAGEEFFSLSVEEKEKYANDQATGKIQGYGSKLANNASGQLEWEDYFFHLAYPEEKRDLSIWPK
TPSDYIEATSEYAKCLRLLATKVFKALSVGLGLEPDRLEKEVGGLEELLLQMKINYYPKCPQPELALGVEAHTDVSALTF
ILHNMVPGLQLFYEGKWVTAKCVPDSIVMHIGDTLEILSNGKYKSILHRGLVNKEKVRISWAVFCEPPKDKIVLKPLPEM
VSVESPAKFPPRTFAQHIEHKLFGKEQEELVSEKND
;
_entity_poly.pdbx_strand_id   A
#
loop_
_chem_comp.id
_chem_comp.type
_chem_comp.name
_chem_comp.formula
AKG non-polymer '2-OXOGLUTARIC ACID' 'C5 H6 O5'
DH2 non-polymer (2S,3S)-2-(3,4-DIHYDROXYPHENYL)-3,5,7-TRIHYDROXY-2,3-DIHYDRO-4H-CHROMEN-4-ONE 'C15 H12 O7'
DQH non-polymer (2R,3R)-2-(3,4-DIHYDROXYPHENYL)-3,5,7-TRIHYDROXY-2,3-DIHYDRO-4H-CHROMEN-4-ONE 'C15 H12 O7'
FE non-polymer 'FE (III) ION' 'Fe 3'
MES non-polymer '2-(N-MORPHOLINO)-ETHANESULFONIC ACID' 'C6 H13 N O4 S'
#
# COMPACT_ATOMS: atom_id res chain seq x y z
N VAL A 2 12.13 7.65 27.04
CA VAL A 2 11.86 6.57 26.05
C VAL A 2 13.11 6.32 25.20
N ALA A 3 13.27 5.10 24.73
CA ALA A 3 14.41 4.74 23.91
C ALA A 3 13.95 4.68 22.46
N VAL A 4 14.85 4.96 21.53
CA VAL A 4 14.51 4.90 20.10
C VAL A 4 15.25 3.74 19.43
N GLU A 5 14.50 2.70 19.09
CA GLU A 5 15.06 1.50 18.45
C GLU A 5 14.63 1.37 16.99
N ARG A 6 15.59 1.34 16.08
CA ARG A 6 15.29 1.17 14.66
C ARG A 6 15.66 -0.26 14.29
N VAL A 7 14.88 -0.88 13.43
CA VAL A 7 15.16 -2.26 13.04
C VAL A 7 16.50 -2.37 12.33
N GLU A 8 16.90 -1.33 11.60
CA GLU A 8 18.19 -1.36 10.89
C GLU A 8 19.34 -1.52 11.88
N SER A 9 19.29 -0.78 12.98
CA SER A 9 20.31 -0.84 14.02
C SER A 9 20.36 -2.25 14.60
N LEU A 10 19.17 -2.79 14.89
CA LEU A 10 19.03 -4.12 15.44
C LEU A 10 19.65 -5.16 14.53
N ALA A 11 19.41 -5.01 13.24
CA ALA A 11 19.94 -5.93 12.24
C ALA A 11 21.46 -5.88 12.12
N LYS A 12 22.06 -4.79 12.58
CA LYS A 12 23.51 -4.63 12.51
C LYS A 12 24.19 -4.78 13.86
N SER A 13 23.41 -4.96 14.93
CA SER A 13 23.97 -5.11 16.27
C SER A 13 24.72 -6.43 16.45
N GLY A 14 24.63 -7.29 15.44
CA GLY A 14 25.31 -8.58 15.51
C GLY A 14 24.41 -9.76 15.83
N ILE A 15 23.47 -9.57 16.76
CA ILE A 15 22.56 -10.62 17.19
C ILE A 15 22.29 -11.70 16.12
N ILE A 16 22.23 -12.95 16.56
CA ILE A 16 21.95 -14.07 15.67
C ILE A 16 20.55 -14.58 15.95
N SER A 17 19.93 -13.99 16.97
CA SER A 17 18.58 -14.34 17.40
C SER A 17 17.76 -13.06 17.58
N ILE A 18 16.52 -13.04 17.11
CA ILE A 18 15.68 -11.84 17.21
C ILE A 18 14.95 -11.67 18.55
N PRO A 19 14.73 -10.42 18.97
CA PRO A 19 14.04 -10.11 20.23
C PRO A 19 12.65 -10.75 20.29
N LYS A 20 12.19 -11.01 21.50
CA LYS A 20 10.89 -11.65 21.72
C LYS A 20 9.73 -10.85 21.13
N GLU A 21 9.86 -9.53 21.10
CA GLU A 21 8.80 -8.66 20.59
C GLU A 21 8.54 -8.85 19.09
N TYR A 22 9.47 -9.48 18.38
CA TYR A 22 9.33 -9.68 16.95
C TYR A 22 8.86 -11.07 16.54
N ILE A 23 8.69 -11.97 17.51
CA ILE A 23 8.24 -13.32 17.19
C ILE A 23 6.71 -13.33 17.18
N ARG A 24 6.13 -13.83 16.08
CA ARG A 24 4.67 -13.91 15.95
C ARG A 24 4.11 -14.96 16.90
N PRO A 25 2.80 -14.92 17.16
CA PRO A 25 2.19 -15.91 18.07
C PRO A 25 2.35 -17.31 17.48
N LYS A 26 2.34 -18.32 18.34
CA LYS A 26 2.50 -19.71 17.89
C LYS A 26 1.55 -20.10 16.75
N GLU A 27 0.29 -19.72 16.87
CA GLU A 27 -0.70 -20.05 15.84
C GLU A 27 -0.37 -19.46 14.46
N GLU A 28 0.23 -18.27 14.45
CA GLU A 28 0.58 -17.60 13.20
C GLU A 28 1.86 -18.11 12.52
N LEU A 29 2.82 -18.56 13.32
CA LEU A 29 4.09 -19.05 12.77
C LEU A 29 3.94 -20.21 11.77
N GLU A 30 2.90 -21.02 11.94
CA GLU A 30 2.68 -22.15 11.05
C GLU A 30 2.52 -21.81 9.57
N SER A 31 1.97 -20.63 9.27
CA SER A 31 1.75 -20.22 7.88
C SER A 31 2.91 -19.50 7.22
N ILE A 32 4.00 -19.29 7.96
CA ILE A 32 5.15 -18.57 7.42
C ILE A 32 6.26 -19.50 6.91
N ASN A 33 6.54 -19.41 5.61
CA ASN A 33 7.57 -20.23 4.97
C ASN A 33 8.66 -19.38 4.31
N ASP A 34 9.57 -20.04 3.60
CA ASP A 34 10.66 -19.36 2.90
C ASP A 34 10.11 -18.61 1.69
N VAL A 35 10.18 -17.29 1.73
CA VAL A 35 9.67 -16.45 0.64
C VAL A 35 10.25 -16.80 -0.73
N PHE A 36 11.52 -17.23 -0.77
CA PHE A 36 12.17 -17.57 -2.03
C PHE A 36 11.62 -18.85 -2.67
N LEU A 37 11.22 -19.82 -1.85
CA LEU A 37 10.67 -21.07 -2.35
C LEU A 37 9.21 -20.84 -2.76
N GLU A 38 8.49 -20.05 -1.96
CA GLU A 38 7.10 -19.74 -2.23
C GLU A 38 6.98 -19.02 -3.58
N GLU A 39 7.94 -18.15 -3.85
CA GLU A 39 7.98 -17.38 -5.09
C GLU A 39 8.12 -18.27 -6.33
N LYS A 40 8.69 -19.45 -6.15
CA LYS A 40 8.90 -20.41 -7.23
C LYS A 40 7.68 -21.27 -7.56
N LYS A 41 6.85 -21.54 -6.57
CA LYS A 41 5.66 -22.37 -6.79
C LYS A 41 4.75 -21.84 -7.88
N GLU A 42 4.38 -22.70 -8.81
CA GLU A 42 3.51 -22.32 -9.92
C GLU A 42 2.11 -22.94 -9.82
N ASP A 43 1.78 -23.49 -8.66
CA ASP A 43 0.48 -24.11 -8.46
C ASP A 43 -0.46 -23.29 -7.56
N GLY A 44 -1.75 -23.36 -7.86
CA GLY A 44 -2.73 -22.63 -7.08
C GLY A 44 -3.10 -21.32 -7.76
N PRO A 45 -4.02 -20.53 -7.16
CA PRO A 45 -4.39 -19.25 -7.78
C PRO A 45 -3.20 -18.29 -7.80
N GLN A 46 -3.17 -17.42 -8.79
CA GLN A 46 -2.08 -16.45 -8.93
C GLN A 46 -2.63 -15.04 -9.10
N VAL A 47 -1.91 -14.05 -8.56
CA VAL A 47 -2.33 -12.66 -8.68
C VAL A 47 -2.47 -12.32 -10.16
N PRO A 48 -3.61 -11.72 -10.55
CA PRO A 48 -3.82 -11.37 -11.95
C PRO A 48 -2.96 -10.23 -12.48
N THR A 49 -2.69 -10.25 -13.78
CA THR A 49 -1.94 -9.19 -14.43
C THR A 49 -2.96 -8.50 -15.34
N ILE A 50 -3.15 -7.20 -15.16
CA ILE A 50 -4.11 -6.45 -15.95
C ILE A 50 -3.43 -5.46 -16.89
N ASP A 51 -3.76 -5.56 -18.17
CA ASP A 51 -3.18 -4.68 -19.20
C ASP A 51 -4.07 -3.46 -19.42
N LEU A 52 -3.51 -2.28 -19.20
CA LEU A 52 -4.28 -1.05 -19.37
C LEU A 52 -4.00 -0.30 -20.67
N LYS A 53 -3.32 -0.93 -21.61
CA LYS A 53 -3.00 -0.27 -22.87
C LYS A 53 -4.20 0.45 -23.52
N ASN A 54 -5.34 -0.23 -23.60
CA ASN A 54 -6.54 0.34 -24.23
C ASN A 54 -7.62 0.88 -23.29
N ILE A 55 -7.27 1.20 -22.06
CA ILE A 55 -8.26 1.69 -21.10
C ILE A 55 -9.01 2.94 -21.59
N GLU A 56 -8.36 3.73 -22.43
CA GLU A 56 -8.98 4.95 -22.96
C GLU A 56 -8.84 5.01 -24.47
N SER A 57 -9.10 3.87 -25.12
CA SER A 57 -9.01 3.77 -26.59
C SER A 57 -10.29 4.21 -27.29
N ASP A 58 -10.13 4.80 -28.47
CA ASP A 58 -11.25 5.27 -29.26
C ASP A 58 -12.13 4.10 -29.67
N ASP A 59 -11.49 2.95 -29.94
CA ASP A 59 -12.20 1.73 -30.33
C ASP A 59 -13.08 1.28 -29.16
N GLU A 60 -14.39 1.35 -29.34
CA GLU A 60 -15.34 0.96 -28.30
C GLU A 60 -15.19 -0.48 -27.80
N LYS A 61 -15.26 -1.45 -28.70
CA LYS A 61 -15.14 -2.86 -28.31
C LYS A 61 -13.86 -3.16 -27.55
N ILE A 62 -12.75 -2.60 -28.04
CA ILE A 62 -11.45 -2.79 -27.40
C ILE A 62 -11.39 -2.14 -26.02
N ARG A 63 -11.94 -0.94 -25.91
CA ARG A 63 -11.95 -0.20 -24.65
C ARG A 63 -12.78 -0.94 -23.59
N GLU A 64 -13.94 -1.45 -23.99
CA GLU A 64 -14.81 -2.16 -23.07
C GLU A 64 -14.19 -3.46 -22.56
N ASN A 65 -13.45 -4.16 -23.43
CA ASN A 65 -12.81 -5.40 -23.03
C ASN A 65 -11.80 -5.14 -21.92
N CYS A 66 -11.10 -4.02 -22.02
CA CYS A 66 -10.11 -3.63 -21.02
C CYS A 66 -10.84 -3.34 -19.70
N ILE A 67 -11.84 -2.46 -19.76
CA ILE A 67 -12.63 -2.10 -18.59
C ILE A 67 -13.21 -3.33 -17.89
N GLU A 68 -13.67 -4.28 -18.68
CA GLU A 68 -14.26 -5.51 -18.17
C GLU A 68 -13.23 -6.37 -17.43
N GLU A 69 -12.00 -6.44 -17.95
CA GLU A 69 -10.97 -7.22 -17.30
C GLU A 69 -10.60 -6.59 -15.96
N LEU A 70 -10.51 -5.26 -15.94
CA LEU A 70 -10.18 -4.53 -14.71
C LEU A 70 -11.28 -4.75 -13.69
N LYS A 71 -12.52 -4.66 -14.15
CA LYS A 71 -13.69 -4.84 -13.28
C LYS A 71 -13.67 -6.21 -12.61
N LYS A 72 -13.51 -7.26 -13.40
CA LYS A 72 -13.49 -8.63 -12.90
C LYS A 72 -12.41 -8.90 -11.86
N ALA A 73 -11.19 -8.43 -12.12
CA ALA A 73 -10.09 -8.63 -11.19
C ALA A 73 -10.37 -7.90 -9.86
N SER A 74 -10.99 -6.73 -9.94
CA SER A 74 -11.32 -5.94 -8.76
C SER A 74 -12.42 -6.58 -7.90
N LEU A 75 -13.36 -7.25 -8.55
CA LEU A 75 -14.47 -7.91 -7.85
C LEU A 75 -14.03 -9.23 -7.22
N ASP A 76 -13.05 -9.87 -7.84
CA ASP A 76 -12.54 -11.15 -7.38
C ASP A 76 -11.35 -11.03 -6.42
N TRP A 77 -10.21 -10.56 -6.91
CA TRP A 77 -9.00 -10.41 -6.09
C TRP A 77 -8.91 -9.10 -5.30
N GLY A 78 -9.19 -7.99 -5.98
CA GLY A 78 -9.10 -6.69 -5.33
C GLY A 78 -7.66 -6.17 -5.37
N VAL A 79 -6.77 -6.95 -5.98
CA VAL A 79 -5.35 -6.59 -6.13
C VAL A 79 -4.85 -7.12 -7.48
N MET A 80 -3.80 -6.50 -8.05
CA MET A 80 -3.31 -6.92 -9.36
C MET A 80 -2.00 -6.28 -9.81
N HIS A 81 -1.37 -6.87 -10.84
CA HIS A 81 -0.14 -6.34 -11.43
C HIS A 81 -0.56 -5.58 -12.69
N LEU A 82 -0.37 -4.26 -12.68
CA LEU A 82 -0.74 -3.43 -13.83
C LEU A 82 0.44 -3.27 -14.81
N ILE A 83 0.17 -3.40 -16.10
CA ILE A 83 1.20 -3.23 -17.13
C ILE A 83 0.66 -2.26 -18.21
N ASN A 84 1.55 -1.58 -18.92
CA ASN A 84 1.15 -0.61 -19.94
C ASN A 84 0.26 0.42 -19.27
N HIS A 85 0.71 0.87 -18.10
CA HIS A 85 -0.02 1.84 -17.27
C HIS A 85 0.25 3.31 -17.62
N GLY A 86 1.14 3.56 -18.56
CA GLY A 86 1.42 4.93 -18.96
C GLY A 86 2.43 5.74 -18.17
N ILE A 87 3.05 5.13 -17.14
CA ILE A 87 4.03 5.85 -16.35
C ILE A 87 5.41 5.45 -16.84
N PRO A 88 6.22 6.42 -17.32
CA PRO A 88 7.58 6.18 -17.85
C PRO A 88 8.43 5.27 -16.97
N ALA A 89 9.01 4.23 -17.58
CA ALA A 89 9.83 3.27 -16.86
C ALA A 89 11.07 3.89 -16.21
N ASP A 90 11.69 4.86 -16.90
CA ASP A 90 12.89 5.48 -16.36
C ASP A 90 12.60 6.43 -15.20
N LEU A 91 11.38 7.00 -15.18
CA LEU A 91 10.99 7.88 -14.09
C LEU A 91 10.89 7.04 -12.83
N MET A 92 10.33 5.84 -12.96
CA MET A 92 10.19 4.92 -11.85
C MET A 92 11.58 4.50 -11.36
N GLU A 93 12.52 4.31 -12.28
CA GLU A 93 13.89 3.92 -11.91
C GLU A 93 14.54 5.02 -11.08
N ARG A 94 14.29 6.28 -11.46
CA ARG A 94 14.87 7.41 -10.75
C ARG A 94 14.28 7.56 -9.34
N VAL A 95 12.99 7.23 -9.18
CA VAL A 95 12.35 7.32 -7.88
C VAL A 95 12.96 6.27 -6.95
N LYS A 96 13.08 5.04 -7.43
CA LYS A 96 13.65 3.96 -6.64
C LYS A 96 15.13 4.20 -6.32
N LYS A 97 15.91 4.63 -7.31
CA LYS A 97 17.33 4.89 -7.06
C LYS A 97 17.49 5.90 -5.93
N ALA A 98 16.70 6.97 -5.97
CA ALA A 98 16.76 8.01 -4.94
C ALA A 98 16.39 7.47 -3.55
N GLY A 99 15.37 6.62 -3.49
CA GLY A 99 14.96 6.05 -2.21
C GLY A 99 16.03 5.14 -1.63
N GLU A 100 16.71 4.39 -2.50
CA GLU A 100 17.78 3.50 -2.06
C GLU A 100 18.97 4.32 -1.54
N GLU A 101 19.24 5.47 -2.14
CA GLU A 101 20.34 6.32 -1.67
C GLU A 101 20.04 6.92 -0.31
N PHE A 102 18.78 7.30 -0.09
CA PHE A 102 18.40 7.87 1.21
C PHE A 102 18.57 6.82 2.30
N PHE A 103 17.98 5.64 2.12
CA PHE A 103 18.09 4.61 3.14
C PHE A 103 19.49 4.04 3.27
N SER A 104 20.35 4.38 2.31
CA SER A 104 21.74 3.94 2.34
C SER A 104 22.55 4.79 3.32
N LEU A 105 21.99 5.92 3.75
CA LEU A 105 22.67 6.78 4.70
C LEU A 105 22.65 6.09 6.07
N SER A 106 23.48 6.58 6.99
CA SER A 106 23.56 6.01 8.33
C SER A 106 22.28 6.34 9.11
N VAL A 107 21.98 5.51 10.11
CA VAL A 107 20.79 5.73 10.93
C VAL A 107 20.84 7.09 11.61
N GLU A 108 22.02 7.51 12.05
CA GLU A 108 22.21 8.79 12.71
C GLU A 108 21.83 9.94 11.79
N GLU A 109 22.17 9.81 10.51
CA GLU A 109 21.84 10.82 9.51
C GLU A 109 20.32 10.85 9.26
N LYS A 110 19.71 9.67 9.18
CA LYS A 110 18.27 9.59 8.94
C LYS A 110 17.46 10.07 10.13
N GLU A 111 18.02 9.98 11.34
CA GLU A 111 17.32 10.43 12.54
C GLU A 111 17.04 11.94 12.51
N LYS A 112 17.74 12.66 11.63
CA LYS A 112 17.52 14.10 11.53
C LYS A 112 16.15 14.37 10.90
N TYR A 113 15.54 13.33 10.34
CA TYR A 113 14.21 13.42 9.73
C TYR A 113 13.17 12.66 10.58
N ALA A 114 13.56 12.29 11.80
CA ALA A 114 12.69 11.53 12.69
C ALA A 114 11.32 12.15 12.92
N ASN A 115 10.28 11.32 12.92
CA ASN A 115 8.93 11.81 13.15
C ASN A 115 8.71 11.91 14.65
N ASP A 116 7.61 12.54 15.06
CA ASP A 116 7.29 12.69 16.48
C ASP A 116 5.78 12.69 16.67
N GLN A 117 5.23 11.49 16.86
CA GLN A 117 3.80 11.28 17.05
C GLN A 117 3.23 11.96 18.27
N ALA A 118 4.04 12.13 19.30
CA ALA A 118 3.60 12.77 20.53
C ALA A 118 3.11 14.19 20.29
N THR A 119 3.64 14.85 19.25
CA THR A 119 3.22 16.22 18.96
C THR A 119 2.50 16.36 17.62
N GLY A 120 1.98 15.24 17.11
CA GLY A 120 1.26 15.26 15.85
C GLY A 120 2.10 15.28 14.58
N LYS A 121 3.42 15.15 14.71
CA LYS A 121 4.27 15.13 13.52
C LYS A 121 4.40 13.70 13.02
N ILE A 122 3.45 13.28 12.18
CA ILE A 122 3.43 11.91 11.64
C ILE A 122 4.28 11.69 10.40
N GLN A 123 4.73 12.76 9.75
CA GLN A 123 5.56 12.63 8.56
C GLN A 123 7.03 12.52 8.95
N GLY A 124 7.77 11.71 8.20
CA GLY A 124 9.19 11.54 8.46
C GLY A 124 9.64 10.09 8.61
N TYR A 125 10.87 9.94 9.12
CA TYR A 125 11.52 8.65 9.36
C TYR A 125 10.98 8.03 10.65
N GLY A 126 10.74 6.72 10.64
CA GLY A 126 10.22 6.07 11.83
C GLY A 126 10.15 4.56 11.79
N SER A 127 9.56 4.00 12.84
CA SER A 127 9.37 2.56 12.97
C SER A 127 8.13 2.40 13.87
N LYS A 128 7.27 1.45 13.57
CA LYS A 128 6.03 1.27 14.33
C LYS A 128 6.21 0.94 15.80
N LEU A 129 5.61 1.78 16.65
CA LEU A 129 5.65 1.59 18.10
C LEU A 129 4.51 0.67 18.53
N ALA A 130 4.73 -0.13 19.58
CA ALA A 130 3.70 -1.03 20.07
C ALA A 130 2.49 -0.18 20.49
N ASN A 131 1.29 -0.60 20.12
CA ASN A 131 0.10 0.17 20.44
C ASN A 131 -1.01 -0.60 21.14
N ASN A 132 -0.66 -1.69 21.80
CA ASN A 132 -1.64 -2.49 22.52
C ASN A 132 -0.98 -3.49 23.46
N ALA A 133 -1.81 -4.23 24.19
CA ALA A 133 -1.35 -5.22 25.17
C ALA A 133 -0.28 -6.21 24.70
N SER A 134 -0.46 -6.76 23.49
CA SER A 134 0.49 -7.75 22.97
C SER A 134 1.93 -7.24 22.91
N GLY A 135 2.10 -6.00 22.45
CA GLY A 135 3.44 -5.44 22.35
C GLY A 135 4.21 -5.96 21.15
N GLN A 136 3.49 -6.40 20.12
CA GLN A 136 4.10 -6.94 18.92
C GLN A 136 4.78 -5.85 18.07
N LEU A 137 5.88 -6.21 17.42
CA LEU A 137 6.61 -5.28 16.56
C LEU A 137 6.88 -5.96 15.22
N GLU A 138 6.98 -5.16 14.16
CA GLU A 138 7.24 -5.67 12.82
C GLU A 138 8.65 -5.33 12.33
N TRP A 139 9.24 -6.22 11.53
CA TRP A 139 10.59 -6.06 11.02
C TRP A 139 10.75 -5.06 9.87
N GLU A 140 10.54 -3.77 10.16
CA GLU A 140 10.68 -2.72 9.13
C GLU A 140 10.81 -1.29 9.67
N ASP A 141 11.48 -0.45 8.89
CA ASP A 141 11.60 0.98 9.20
C ASP A 141 10.93 1.64 8.00
N TYR A 142 10.66 2.93 8.05
CA TYR A 142 10.02 3.58 6.91
C TYR A 142 10.11 5.10 6.93
N PHE A 143 9.65 5.72 5.85
CA PHE A 143 9.64 7.18 5.73
C PHE A 143 8.26 7.48 5.14
N PHE A 144 7.51 8.38 5.78
CA PHE A 144 6.16 8.72 5.35
C PHE A 144 5.97 10.22 5.14
N HIS A 145 5.34 10.61 4.04
CA HIS A 145 5.06 12.02 3.78
C HIS A 145 4.00 12.22 2.70
N LEU A 146 3.27 13.35 2.80
CA LEU A 146 2.24 13.67 1.81
C LEU A 146 2.94 14.09 0.52
N ALA A 147 2.48 13.57 -0.61
CA ALA A 147 3.11 13.87 -1.89
C ALA A 147 2.29 14.68 -2.88
N TYR A 148 0.98 14.80 -2.63
CA TYR A 148 0.08 15.54 -3.53
C TYR A 148 -1.25 15.77 -2.81
N PRO A 149 -1.91 16.93 -3.04
CA PRO A 149 -1.59 18.06 -3.91
C PRO A 149 -0.34 18.82 -3.48
N GLU A 150 0.34 19.42 -4.46
CA GLU A 150 1.56 20.17 -4.22
C GLU A 150 1.46 21.26 -3.16
N GLU A 151 0.37 22.01 -3.16
CA GLU A 151 0.19 23.08 -2.18
C GLU A 151 0.03 22.62 -0.73
N LYS A 152 -0.29 21.34 -0.54
CA LYS A 152 -0.47 20.79 0.81
C LYS A 152 0.81 20.14 1.34
N ARG A 153 1.83 20.02 0.49
CA ARG A 153 3.09 19.40 0.89
C ARG A 153 3.90 20.23 1.88
N ASP A 154 4.76 19.55 2.64
CA ASP A 154 5.65 20.20 3.59
C ASP A 154 7.04 19.76 3.17
N LEU A 155 7.59 20.47 2.18
CA LEU A 155 8.91 20.16 1.64
C LEU A 155 10.07 20.16 2.63
N SER A 156 9.92 20.88 3.75
CA SER A 156 10.98 20.96 4.74
C SER A 156 11.40 19.61 5.33
N ILE A 157 10.50 18.62 5.34
CA ILE A 157 10.84 17.31 5.89
C ILE A 157 11.22 16.25 4.85
N TRP A 158 11.20 16.63 3.58
CA TRP A 158 11.56 15.70 2.51
C TRP A 158 13.07 15.53 2.45
N PRO A 159 13.55 14.31 2.16
CA PRO A 159 14.99 14.04 2.07
C PRO A 159 15.74 15.06 1.21
N LYS A 160 16.89 15.53 1.70
CA LYS A 160 17.70 16.50 0.96
C LYS A 160 18.84 15.76 0.28
N THR A 161 18.98 14.48 0.61
CA THR A 161 20.00 13.60 0.02
C THR A 161 19.25 12.36 -0.44
N PRO A 162 19.31 12.04 -1.74
CA PRO A 162 19.98 12.69 -2.88
C PRO A 162 19.35 14.01 -3.32
N SER A 163 20.13 14.81 -4.02
CA SER A 163 19.72 16.12 -4.52
C SER A 163 18.45 16.12 -5.37
N ASP A 164 18.14 15.01 -6.05
CA ASP A 164 16.97 14.94 -6.90
C ASP A 164 15.74 14.24 -6.30
N TYR A 165 15.74 13.95 -5.01
CA TYR A 165 14.61 13.27 -4.39
C TYR A 165 13.28 14.01 -4.61
N ILE A 166 13.26 15.30 -4.25
CA ILE A 166 12.05 16.10 -4.42
C ILE A 166 11.56 16.18 -5.87
N GLU A 167 12.49 16.38 -6.80
CA GLU A 167 12.17 16.47 -8.22
C GLU A 167 11.55 15.20 -8.81
N ALA A 168 12.19 14.05 -8.55
CA ALA A 168 11.71 12.78 -9.08
C ALA A 168 10.40 12.33 -8.40
N THR A 169 10.34 12.48 -7.08
CA THR A 169 9.16 12.07 -6.32
C THR A 169 7.92 12.89 -6.66
N SER A 170 8.10 14.19 -6.85
CA SER A 170 6.98 15.08 -7.18
C SER A 170 6.44 14.82 -8.59
N GLU A 171 7.32 14.48 -9.53
CA GLU A 171 6.88 14.20 -10.90
C GLU A 171 6.14 12.86 -10.93
N TYR A 172 6.67 11.88 -10.21
CA TYR A 172 6.05 10.56 -10.13
C TYR A 172 4.64 10.69 -9.52
N ALA A 173 4.53 11.52 -8.49
CA ALA A 173 3.25 11.73 -7.83
C ALA A 173 2.24 12.32 -8.82
N LYS A 174 2.71 13.25 -9.66
CA LYS A 174 1.86 13.89 -10.65
C LYS A 174 1.34 12.87 -11.67
N CYS A 175 2.20 11.95 -12.06
CA CYS A 175 1.82 10.91 -13.02
C CYS A 175 0.81 9.93 -12.41
N LEU A 176 1.01 9.54 -11.16
CA LEU A 176 0.08 8.64 -10.49
C LEU A 176 -1.30 9.28 -10.36
N ARG A 177 -1.35 10.58 -10.10
CA ARG A 177 -2.62 11.27 -9.96
C ARG A 177 -3.46 11.13 -11.22
N LEU A 178 -2.83 11.22 -12.39
CA LEU A 178 -3.53 11.09 -13.66
C LEU A 178 -4.00 9.65 -13.85
N LEU A 179 -3.16 8.69 -13.47
CA LEU A 179 -3.53 7.27 -13.59
C LEU A 179 -4.71 6.92 -12.68
N ALA A 180 -4.76 7.56 -11.52
CA ALA A 180 -5.84 7.32 -10.56
C ALA A 180 -7.17 7.74 -11.18
N THR A 181 -7.20 8.90 -11.84
CA THR A 181 -8.42 9.37 -12.47
C THR A 181 -8.92 8.38 -13.53
N LYS A 182 -8.00 7.76 -14.26
CA LYS A 182 -8.36 6.79 -15.30
C LYS A 182 -8.94 5.52 -14.67
N VAL A 183 -8.34 5.07 -13.57
CA VAL A 183 -8.81 3.86 -12.90
C VAL A 183 -10.20 4.10 -12.28
N PHE A 184 -10.38 5.28 -11.69
CA PHE A 184 -11.65 5.66 -11.07
C PHE A 184 -12.82 5.68 -12.07
N LYS A 185 -12.57 6.13 -13.30
CA LYS A 185 -13.61 6.19 -14.32
C LYS A 185 -13.99 4.79 -14.81
N ALA A 186 -12.98 3.97 -15.07
CA ALA A 186 -13.21 2.61 -15.53
C ALA A 186 -13.99 1.83 -14.48
N LEU A 187 -13.66 2.08 -13.20
CA LEU A 187 -14.34 1.40 -12.11
C LEU A 187 -15.76 1.91 -11.93
N SER A 188 -15.98 3.20 -12.16
CA SER A 188 -17.31 3.78 -12.04
C SER A 188 -18.21 3.11 -13.08
N VAL A 189 -17.75 3.12 -14.33
CA VAL A 189 -18.47 2.53 -15.45
C VAL A 189 -18.81 1.08 -15.16
N GLY A 190 -17.88 0.37 -14.53
CA GLY A 190 -18.09 -1.03 -14.20
C GLY A 190 -19.26 -1.25 -13.26
N LEU A 191 -19.47 -0.33 -12.32
CA LEU A 191 -20.58 -0.43 -11.37
C LEU A 191 -21.87 0.16 -11.97
N GLY A 192 -21.77 0.61 -13.22
CA GLY A 192 -22.93 1.19 -13.88
C GLY A 192 -23.19 2.62 -13.45
N LEU A 193 -22.15 3.30 -12.97
CA LEU A 193 -22.28 4.68 -12.51
C LEU A 193 -21.72 5.62 -13.58
N GLU A 194 -22.02 6.91 -13.46
CA GLU A 194 -21.49 7.87 -14.41
C GLU A 194 -19.97 7.85 -14.26
N PRO A 195 -19.23 8.08 -15.35
CA PRO A 195 -17.76 8.09 -15.39
C PRO A 195 -17.03 8.76 -14.22
N ASP A 196 -17.47 9.96 -13.86
CA ASP A 196 -16.81 10.69 -12.78
C ASP A 196 -17.36 10.47 -11.38
N ARG A 197 -18.29 9.53 -11.22
CA ARG A 197 -18.89 9.28 -9.91
C ARG A 197 -17.95 8.94 -8.75
N LEU A 198 -17.20 7.85 -8.86
CA LEU A 198 -16.31 7.44 -7.78
C LEU A 198 -15.26 8.48 -7.34
N GLU A 199 -14.54 9.07 -8.30
CA GLU A 199 -13.53 10.05 -7.94
C GLU A 199 -14.15 11.26 -7.22
N LYS A 200 -15.37 11.61 -7.62
CA LYS A 200 -16.05 12.73 -7.00
C LYS A 200 -16.39 12.41 -5.54
N GLU A 201 -16.85 11.19 -5.30
CA GLU A 201 -17.22 10.79 -3.94
C GLU A 201 -16.03 10.69 -2.99
N VAL A 202 -14.81 10.57 -3.52
CA VAL A 202 -13.63 10.49 -2.65
C VAL A 202 -12.88 11.82 -2.49
N GLY A 203 -13.45 12.91 -3.00
CA GLY A 203 -12.79 14.19 -2.86
C GLY A 203 -12.41 14.97 -4.11
N GLY A 204 -12.43 14.32 -5.27
CA GLY A 204 -12.08 15.01 -6.49
C GLY A 204 -10.65 15.54 -6.48
N LEU A 205 -10.34 16.43 -7.42
CA LEU A 205 -9.00 17.00 -7.51
C LEU A 205 -8.59 17.84 -6.32
N GLU A 206 -9.57 18.44 -5.65
CA GLU A 206 -9.32 19.30 -4.50
C GLU A 206 -8.98 18.59 -3.18
N GLU A 207 -9.82 17.62 -2.81
CA GLU A 207 -9.63 16.93 -1.54
C GLU A 207 -8.87 15.60 -1.51
N LEU A 208 -8.78 14.92 -2.65
CA LEU A 208 -8.06 13.64 -2.70
C LEU A 208 -6.57 13.83 -2.38
N LEU A 209 -6.03 12.98 -1.52
CA LEU A 209 -4.63 13.06 -1.11
C LEU A 209 -3.82 11.83 -1.52
N LEU A 210 -2.54 12.04 -1.80
CA LEU A 210 -1.63 10.95 -2.15
C LEU A 210 -0.54 10.96 -1.10
N GLN A 211 -0.47 9.87 -0.31
CA GLN A 211 0.55 9.76 0.73
C GLN A 211 1.61 8.77 0.25
N MET A 212 2.88 9.09 0.50
CA MET A 212 3.97 8.22 0.09
C MET A 212 4.63 7.56 1.29
N LYS A 213 4.74 6.23 1.24
CA LYS A 213 5.39 5.50 2.31
C LYS A 213 6.45 4.59 1.74
N ILE A 214 7.70 4.81 2.14
CA ILE A 214 8.80 3.99 1.67
C ILE A 214 9.05 2.96 2.78
N ASN A 215 8.94 1.68 2.43
CA ASN A 215 9.14 0.60 3.40
C ASN A 215 10.53 -0.01 3.25
N TYR A 216 11.28 -0.04 4.35
CA TYR A 216 12.64 -0.59 4.34
C TYR A 216 12.68 -1.85 5.20
N TYR A 217 12.95 -2.99 4.59
CA TYR A 217 13.01 -4.27 5.32
C TYR A 217 14.44 -4.82 5.36
N PRO A 218 15.12 -4.68 6.51
CA PRO A 218 16.50 -5.18 6.62
C PRO A 218 16.54 -6.71 6.67
N LYS A 219 17.72 -7.27 6.42
CA LYS A 219 17.87 -8.73 6.48
C LYS A 219 17.49 -9.19 7.88
N CYS A 220 16.89 -10.37 7.99
CA CYS A 220 16.46 -10.91 9.29
C CYS A 220 17.17 -12.23 9.59
N PRO A 221 17.76 -12.36 10.79
CA PRO A 221 18.47 -13.59 11.18
C PRO A 221 17.56 -14.81 11.41
N GLN A 222 16.27 -14.58 11.58
CA GLN A 222 15.29 -15.65 11.79
C GLN A 222 14.01 -15.25 11.06
N PRO A 223 14.07 -15.16 9.72
CA PRO A 223 12.96 -14.77 8.85
C PRO A 223 11.65 -15.52 8.98
N GLU A 224 11.65 -16.70 9.60
CA GLU A 224 10.41 -17.45 9.75
C GLU A 224 9.74 -17.32 11.11
N LEU A 225 10.13 -16.29 11.86
CA LEU A 225 9.54 -16.03 13.17
C LEU A 225 8.93 -14.64 13.18
N ALA A 226 9.18 -13.85 12.14
CA ALA A 226 8.65 -12.50 12.09
C ALA A 226 8.00 -12.11 10.77
N LEU A 227 7.42 -10.92 10.74
CA LEU A 227 6.76 -10.38 9.55
C LEU A 227 7.26 -8.95 9.30
N GLY A 228 7.41 -8.58 8.02
CA GLY A 228 7.83 -7.24 7.67
C GLY A 228 6.66 -6.33 7.96
N VAL A 229 5.48 -6.72 7.48
CA VAL A 229 4.23 -6.00 7.73
C VAL A 229 3.20 -7.03 8.19
N GLU A 230 2.42 -6.69 9.22
CA GLU A 230 1.39 -7.60 9.74
C GLU A 230 0.24 -7.74 8.74
N ALA A 231 -0.67 -8.70 8.98
CA ALA A 231 -1.82 -8.91 8.10
C ALA A 231 -2.79 -7.73 8.26
N HIS A 232 -3.29 -7.21 7.13
CA HIS A 232 -4.21 -6.06 7.17
C HIS A 232 -4.82 -5.76 5.80
N THR A 233 -5.75 -4.82 5.77
CA THR A 233 -6.35 -4.36 4.52
C THR A 233 -6.02 -2.86 4.46
N ASP A 234 -5.81 -2.30 3.26
CA ASP A 234 -5.51 -0.87 3.14
C ASP A 234 -6.79 -0.05 3.33
N VAL A 235 -6.73 1.02 4.11
CA VAL A 235 -7.92 1.85 4.33
C VAL A 235 -8.16 2.90 3.25
N SER A 236 -7.24 2.97 2.30
CA SER A 236 -7.32 3.94 1.19
C SER A 236 -8.40 3.63 0.16
N ALA A 237 -8.44 4.43 -0.90
CA ALA A 237 -9.39 4.21 -1.99
C ALA A 237 -8.67 3.27 -2.97
N LEU A 238 -7.43 3.65 -3.28
CA LEU A 238 -6.55 2.90 -4.17
C LEU A 238 -5.12 3.02 -3.63
N THR A 239 -4.31 1.98 -3.86
CA THR A 239 -2.90 1.98 -3.45
C THR A 239 -2.05 1.49 -4.62
N PHE A 240 -1.00 2.24 -4.97
CA PHE A 240 -0.09 1.88 -6.07
C PHE A 240 1.29 1.62 -5.48
N ILE A 241 1.83 0.42 -5.70
CA ILE A 241 3.13 0.06 -5.14
C ILE A 241 4.24 -0.37 -6.13
N LEU A 242 5.48 0.02 -5.81
CA LEU A 242 6.66 -0.33 -6.60
C LEU A 242 7.59 -1.07 -5.62
N HIS A 243 8.51 -1.88 -6.13
CA HIS A 243 9.46 -2.59 -5.27
C HIS A 243 10.78 -2.89 -5.97
N ASN A 244 11.77 -3.36 -5.21
CA ASN A 244 13.09 -3.67 -5.78
C ASN A 244 13.30 -5.13 -6.16
N MET A 245 12.31 -5.71 -6.84
CA MET A 245 12.39 -7.09 -7.31
C MET A 245 12.79 -8.15 -6.27
N VAL A 246 12.48 -7.90 -5.01
CA VAL A 246 12.75 -8.89 -3.96
C VAL A 246 11.34 -9.29 -3.52
N PRO A 247 11.05 -10.60 -3.50
CA PRO A 247 9.72 -11.08 -3.10
C PRO A 247 9.41 -10.86 -1.62
N GLY A 248 8.12 -10.69 -1.31
CA GLY A 248 7.73 -10.47 0.07
C GLY A 248 6.24 -10.30 0.29
N LEU A 249 5.54 -9.71 -0.67
CA LEU A 249 4.10 -9.50 -0.53
C LEU A 249 3.31 -10.80 -0.73
N GLN A 250 2.43 -11.10 0.22
CA GLN A 250 1.58 -12.28 0.15
C GLN A 250 0.13 -11.84 0.30
N LEU A 251 -0.77 -12.52 -0.40
CA LEU A 251 -2.19 -12.18 -0.37
C LEU A 251 -3.03 -13.34 0.18
N PHE A 252 -3.94 -13.04 1.09
CA PHE A 252 -4.80 -14.08 1.68
C PHE A 252 -6.02 -14.26 0.78
N TYR A 253 -5.91 -15.23 -0.14
CA TYR A 253 -6.96 -15.52 -1.12
C TYR A 253 -7.58 -16.91 -0.91
N GLU A 254 -8.91 -16.95 -0.85
CA GLU A 254 -9.64 -18.20 -0.63
C GLU A 254 -9.10 -18.99 0.55
N GLY A 255 -8.82 -18.28 1.65
CA GLY A 255 -8.31 -18.93 2.85
C GLY A 255 -6.86 -19.35 2.87
N LYS A 256 -6.09 -19.00 1.85
CA LYS A 256 -4.68 -19.37 1.78
C LYS A 256 -3.77 -18.21 1.41
N TRP A 257 -2.56 -18.21 1.96
CA TRP A 257 -1.58 -17.16 1.67
C TRP A 257 -0.84 -17.41 0.37
N VAL A 258 -1.12 -16.57 -0.62
CA VAL A 258 -0.48 -16.66 -1.94
C VAL A 258 0.70 -15.69 -2.03
N THR A 259 1.77 -16.11 -2.69
CA THR A 259 2.94 -15.26 -2.83
C THR A 259 2.97 -14.59 -4.20
N ALA A 260 3.11 -13.26 -4.20
CA ALA A 260 3.16 -12.49 -5.43
C ALA A 260 4.51 -12.61 -6.13
N LYS A 261 4.48 -12.73 -7.45
CA LYS A 261 5.69 -12.82 -8.26
C LYS A 261 6.14 -11.45 -8.71
N CYS A 262 7.41 -11.33 -9.06
CA CYS A 262 7.96 -10.06 -9.52
C CYS A 262 7.77 -9.91 -11.02
N VAL A 263 6.98 -8.92 -11.44
CA VAL A 263 6.73 -8.65 -12.86
C VAL A 263 7.39 -7.31 -13.22
N PRO A 264 8.42 -7.34 -14.09
CA PRO A 264 9.17 -6.17 -14.55
C PRO A 264 8.39 -4.98 -15.10
N ASP A 265 8.68 -3.79 -14.56
CA ASP A 265 8.04 -2.55 -14.99
C ASP A 265 6.55 -2.43 -14.66
N SER A 266 6.04 -3.36 -13.86
CA SER A 266 4.63 -3.32 -13.49
C SER A 266 4.42 -2.53 -12.21
N ILE A 267 3.15 -2.21 -11.93
CA ILE A 267 2.80 -1.48 -10.73
C ILE A 267 1.67 -2.24 -10.03
N VAL A 268 1.89 -2.62 -8.78
CA VAL A 268 0.86 -3.33 -8.05
C VAL A 268 -0.22 -2.34 -7.62
N MET A 269 -1.49 -2.70 -7.78
CA MET A 269 -2.57 -1.82 -7.37
C MET A 269 -3.53 -2.59 -6.46
N HIS A 270 -3.89 -1.95 -5.35
CA HIS A 270 -4.81 -2.52 -4.37
C HIS A 270 -6.11 -1.71 -4.36
N ILE A 271 -7.25 -2.40 -4.27
CA ILE A 271 -8.55 -1.73 -4.12
C ILE A 271 -8.51 -1.55 -2.59
N GLY A 272 -8.86 -0.38 -2.07
CA GLY A 272 -8.84 -0.18 -0.63
C GLY A 272 -10.20 -0.15 0.06
N ASP A 273 -10.20 -0.15 1.41
CA ASP A 273 -11.45 -0.14 2.20
C ASP A 273 -12.45 0.92 1.74
N THR A 274 -11.95 2.11 1.43
CA THR A 274 -12.83 3.20 1.00
C THR A 274 -13.68 2.83 -0.23
N LEU A 275 -13.09 2.15 -1.22
CA LEU A 275 -13.87 1.76 -2.40
C LEU A 275 -14.72 0.53 -2.10
N GLU A 276 -14.27 -0.30 -1.17
CA GLU A 276 -15.04 -1.48 -0.81
C GLU A 276 -16.34 -1.06 -0.12
N ILE A 277 -16.24 -0.06 0.76
CA ILE A 277 -17.41 0.45 1.46
C ILE A 277 -18.37 1.13 0.49
N LEU A 278 -17.85 2.03 -0.34
CA LEU A 278 -18.69 2.75 -1.31
C LEU A 278 -19.43 1.80 -2.26
N SER A 279 -18.80 0.70 -2.67
CA SER A 279 -19.44 -0.25 -3.57
C SER A 279 -20.22 -1.32 -2.81
N ASN A 280 -20.35 -1.13 -1.50
CA ASN A 280 -21.07 -2.07 -0.63
C ASN A 280 -20.53 -3.51 -0.73
N GLY A 281 -19.21 -3.65 -0.85
CA GLY A 281 -18.61 -4.97 -0.91
C GLY A 281 -18.31 -5.55 -2.29
N LYS A 282 -18.78 -4.90 -3.35
CA LYS A 282 -18.54 -5.40 -4.69
C LYS A 282 -17.04 -5.45 -5.02
N TYR A 283 -16.34 -4.33 -4.84
CA TYR A 283 -14.90 -4.30 -5.08
C TYR A 283 -14.26 -4.71 -3.76
N LYS A 284 -13.30 -5.64 -3.84
CA LYS A 284 -12.64 -6.19 -2.66
C LYS A 284 -11.35 -5.56 -2.11
N SER A 285 -11.31 -5.35 -0.80
CA SER A 285 -10.13 -4.81 -0.11
C SER A 285 -9.53 -6.06 0.54
N ILE A 286 -8.53 -6.65 -0.11
CA ILE A 286 -7.91 -7.89 0.35
C ILE A 286 -6.93 -7.82 1.52
N LEU A 287 -6.91 -8.90 2.31
CA LEU A 287 -6.01 -9.02 3.44
C LEU A 287 -4.65 -9.44 2.90
N HIS A 288 -3.59 -8.77 3.34
CA HIS A 288 -2.25 -9.10 2.90
C HIS A 288 -1.20 -8.83 3.98
N ARG A 289 0.03 -9.29 3.74
CA ARG A 289 1.13 -9.12 4.68
C ARG A 289 2.46 -9.11 3.93
N GLY A 290 3.56 -8.95 4.66
CA GLY A 290 4.85 -8.93 4.03
C GLY A 290 5.92 -9.73 4.77
N LEU A 291 6.63 -10.59 4.03
CA LEU A 291 7.68 -11.42 4.62
C LEU A 291 9.06 -10.80 4.46
N VAL A 292 9.96 -11.16 5.37
CA VAL A 292 11.35 -10.70 5.33
C VAL A 292 12.25 -11.94 5.14
N ASN A 293 13.53 -11.73 4.89
CA ASN A 293 14.47 -12.84 4.67
C ASN A 293 15.87 -12.48 5.18
N LYS A 294 16.77 -13.46 5.17
CA LYS A 294 18.12 -13.23 5.67
C LYS A 294 19.17 -13.01 4.58
N GLU A 295 18.75 -12.98 3.32
CA GLU A 295 19.71 -12.80 2.23
C GLU A 295 19.67 -11.49 1.47
N LYS A 296 18.53 -10.81 1.45
CA LYS A 296 18.42 -9.55 0.72
C LYS A 296 17.51 -8.52 1.36
N VAL A 297 17.96 -7.26 1.34
CA VAL A 297 17.18 -6.16 1.87
C VAL A 297 16.04 -5.91 0.88
N ARG A 298 14.82 -5.79 1.38
CA ARG A 298 13.69 -5.54 0.50
C ARG A 298 13.18 -4.12 0.72
N ILE A 299 12.76 -3.47 -0.35
CA ILE A 299 12.24 -2.10 -0.27
C ILE A 299 11.03 -1.94 -1.18
N SER A 300 10.05 -1.16 -0.74
CA SER A 300 8.83 -0.92 -1.51
C SER A 300 8.40 0.55 -1.36
N TRP A 301 7.70 1.05 -2.37
CA TRP A 301 7.22 2.44 -2.38
C TRP A 301 5.70 2.43 -2.58
N ALA A 302 4.95 2.65 -1.51
CA ALA A 302 3.49 2.62 -1.60
C ALA A 302 2.87 4.01 -1.56
N VAL A 303 1.99 4.28 -2.51
CA VAL A 303 1.29 5.55 -2.57
C VAL A 303 -0.19 5.33 -2.32
N PHE A 304 -0.68 5.86 -1.20
CA PHE A 304 -2.09 5.71 -0.82
C PHE A 304 -2.93 6.93 -1.20
N CYS A 305 -3.98 6.70 -1.98
CA CYS A 305 -4.88 7.76 -2.41
C CYS A 305 -6.02 7.81 -1.39
N GLU A 306 -5.99 8.81 -0.52
CA GLU A 306 -7.00 8.94 0.55
C GLU A 306 -7.99 10.08 0.36
N PRO A 307 -9.19 9.92 0.90
CA PRO A 307 -10.21 10.95 0.81
C PRO A 307 -9.94 11.87 2.00
N PRO A 308 -10.56 13.08 2.05
CA PRO A 308 -10.29 13.95 3.20
C PRO A 308 -10.71 13.19 4.47
N LYS A 309 -9.88 13.24 5.51
CA LYS A 309 -10.15 12.50 6.74
C LYS A 309 -11.39 12.82 7.56
N ASP A 310 -11.89 14.05 7.49
CA ASP A 310 -13.08 14.41 8.26
C ASP A 310 -14.23 14.97 7.41
N LYS A 311 -13.90 15.53 6.25
CA LYS A 311 -14.88 16.15 5.38
C LYS A 311 -15.95 15.26 4.75
N ILE A 312 -15.67 13.96 4.62
CA ILE A 312 -16.63 13.06 3.98
C ILE A 312 -17.02 11.84 4.82
N VAL A 313 -18.32 11.54 4.83
CA VAL A 313 -18.87 10.40 5.56
C VAL A 313 -18.97 9.23 4.57
N LEU A 314 -18.18 8.19 4.81
CA LEU A 314 -18.15 7.01 3.94
C LEU A 314 -19.20 5.96 4.30
N LYS A 315 -19.94 5.53 3.28
CA LYS A 315 -21.00 4.53 3.46
C LYS A 315 -21.36 4.02 2.07
N PRO A 316 -22.07 2.87 2.01
CA PRO A 316 -22.43 2.36 0.67
C PRO A 316 -23.27 3.41 -0.07
N LEU A 317 -22.99 3.60 -1.36
CA LEU A 317 -23.75 4.55 -2.19
C LEU A 317 -25.19 4.09 -2.28
N PRO A 318 -26.14 5.03 -2.46
CA PRO A 318 -27.55 4.66 -2.56
C PRO A 318 -27.81 3.60 -3.63
N GLU A 319 -27.24 3.82 -4.82
CA GLU A 319 -27.41 2.89 -5.92
C GLU A 319 -26.97 1.47 -5.62
N MET A 320 -26.04 1.31 -4.67
CA MET A 320 -25.54 -0.01 -4.30
C MET A 320 -26.31 -0.68 -3.16
N VAL A 321 -27.35 -0.03 -2.65
CA VAL A 321 -28.14 -0.60 -1.55
C VAL A 321 -29.62 -0.73 -1.90
N SER A 322 -30.20 -1.88 -1.55
CA SER A 322 -31.62 -2.14 -1.80
C SER A 322 -32.14 -3.10 -0.74
N VAL A 323 -33.44 -3.36 -0.76
CA VAL A 323 -34.04 -4.26 0.23
C VAL A 323 -33.39 -5.64 0.17
N GLU A 324 -33.02 -6.06 -1.03
CA GLU A 324 -32.38 -7.36 -1.23
C GLU A 324 -30.88 -7.31 -0.99
N SER A 325 -30.32 -6.11 -1.02
CA SER A 325 -28.89 -5.92 -0.80
C SER A 325 -28.70 -4.85 0.26
N PRO A 326 -28.93 -5.19 1.53
CA PRO A 326 -28.78 -4.23 2.62
C PRO A 326 -27.33 -3.76 2.78
N ALA A 327 -27.15 -2.58 3.36
CA ALA A 327 -25.82 -2.02 3.57
C ALA A 327 -24.94 -2.93 4.40
N LYS A 328 -23.71 -3.15 3.94
CA LYS A 328 -22.78 -4.01 4.67
C LYS A 328 -21.89 -3.26 5.65
N PHE A 329 -21.95 -1.93 5.63
CA PHE A 329 -21.15 -1.10 6.53
C PHE A 329 -21.96 0.12 7.00
N PRO A 330 -21.78 0.53 8.27
CA PRO A 330 -22.49 1.70 8.79
C PRO A 330 -21.73 2.96 8.33
N PRO A 331 -22.32 4.15 8.51
CA PRO A 331 -21.68 5.41 8.10
C PRO A 331 -20.51 5.83 8.99
N ARG A 332 -19.38 6.19 8.39
CA ARG A 332 -18.19 6.63 9.13
C ARG A 332 -17.27 7.47 8.27
N THR A 333 -16.45 8.32 8.91
CA THR A 333 -15.47 9.14 8.16
C THR A 333 -14.20 8.29 8.08
N PHE A 334 -13.24 8.73 7.27
CA PHE A 334 -11.95 8.05 7.09
C PHE A 334 -11.29 7.90 8.48
N ALA A 335 -11.22 9.00 9.21
CA ALA A 335 -10.62 9.03 10.54
C ALA A 335 -11.34 8.07 11.49
N GLN A 336 -12.67 8.08 11.47
CA GLN A 336 -13.46 7.20 12.34
C GLN A 336 -13.30 5.73 11.96
N HIS A 337 -13.12 5.46 10.66
CA HIS A 337 -12.95 4.09 10.19
C HIS A 337 -11.63 3.51 10.72
N ILE A 338 -10.57 4.29 10.62
CA ILE A 338 -9.25 3.88 11.11
C ILE A 338 -9.32 3.62 12.62
N GLU A 339 -9.96 4.53 13.34
CA GLU A 339 -10.08 4.38 14.78
C GLU A 339 -10.86 3.11 15.14
N HIS A 340 -11.88 2.79 14.33
CA HIS A 340 -12.68 1.60 14.57
C HIS A 340 -11.84 0.33 14.37
N LYS A 341 -10.99 0.32 13.36
CA LYS A 341 -10.15 -0.85 13.09
C LYS A 341 -9.10 -1.01 14.19
N LEU A 342 -8.55 0.12 14.65
CA LEU A 342 -7.54 0.10 15.70
C LEU A 342 -8.17 -0.28 17.04
N PHE A 343 -9.42 0.13 17.23
CA PHE A 343 -10.15 -0.18 18.45
C PHE A 343 -10.43 -1.68 18.51
N GLY A 344 -10.52 -2.31 17.35
CA GLY A 344 -10.79 -3.73 17.29
C GLY A 344 -9.64 -4.55 17.83
N LYS A 345 -8.45 -4.36 17.28
CA LYS A 345 -7.27 -5.09 17.73
C LYS A 345 -6.96 -4.81 19.21
N GLU A 346 -6.99 -3.54 19.59
CA GLU A 346 -6.72 -3.15 20.98
C GLU A 346 -7.61 -3.91 21.95
N GLN A 347 -8.91 -3.95 21.67
CA GLN A 347 -9.86 -4.66 22.52
C GLN A 347 -9.53 -6.16 22.54
N GLU A 348 -9.47 -6.76 21.45
C1 AKG B . 1.77 -1.29 3.25
O1 AKG B . 2.76 -0.49 3.29
O2 AKG B . 0.54 -1.14 3.52
C2 AKG B . 2.13 -2.76 2.77
O5 AKG B . 1.17 -3.53 2.73
C3 AKG B . 3.55 -3.07 2.41
C4 AKG B . 3.69 -3.48 0.97
C5 AKG B . 4.95 -4.13 0.46
O3 AKG B . 4.92 -4.92 -0.48
O4 AKG B . 6.06 -3.82 1.06
O1 MES C . 0.92 -1.36 7.80
C2 MES C . -0.47 -1.72 7.72
C3 MES C . -1.32 -0.94 8.71
N4 MES C . -0.77 -1.14 10.12
C5 MES C . 0.73 -0.83 10.18
C6 MES C . 1.46 -1.63 9.11
C7 MES C . -1.48 -0.28 11.14
C8 MES C . -2.33 -1.13 12.08
S MES C . -1.78 -0.95 13.78
O1S MES C . -2.93 -1.38 14.58
O2S MES C . -1.50 0.45 14.01
O3S MES C . -0.63 -1.81 13.94
O1 MES D . 3.90 -9.55 21.19
C2 MES D . 3.04 -10.44 20.44
C3 MES D . 3.07 -11.87 20.98
N4 MES D . 4.52 -12.37 21.06
C5 MES D . 5.41 -11.36 21.81
C6 MES D . 5.27 -9.97 21.17
C7 MES D . 4.63 -13.70 21.74
C8 MES D . 5.63 -14.60 21.03
S MES D . 6.69 -15.45 22.21
O1S MES D . 7.58 -14.41 22.71
O2S MES D . 7.41 -16.44 21.47
O3S MES D . 5.82 -15.99 23.23
C1 DQH E . -3.89 3.48 3.73
C2 DQH E . -3.03 2.48 4.21
C3 DQH E . -1.82 2.79 4.95
C4 DQH E . -1.55 4.21 5.18
C5 DQH E . -2.41 5.20 4.69
C6 DQH E . -3.56 4.84 3.97
C9 DQH E . -0.88 1.79 5.46
C10 DQH E . 0.37 2.28 6.20
C11 DQH E . 0.10 3.64 6.86
C14 DQH E . 1.12 4.28 7.82
C15 DQH E . 1.46 5.65 7.73
C16 DQH E . 2.36 6.27 8.64
C17 DQH E . 2.93 5.49 9.65
C18 DQH E . 2.62 4.11 9.75
C19 DQH E . 1.72 3.52 8.85
O12 DQH E . -0.43 4.61 5.89
O13 DQH E . -1.07 0.54 5.30
O23 DQH E . 3.19 3.35 10.75
O24 DQH E . 3.81 6.00 10.59
O27 DQH E . 0.84 1.30 7.10
O29 DQH E . -4.39 5.79 3.49
O30 DQH E . -3.36 1.19 3.95
C1 DH2 F . -1.80 8.56 8.44
C2 DH2 F . -1.32 7.58 9.34
C3 DH2 F . -1.85 6.23 9.34
C4 DH2 F . -2.91 5.93 8.38
C5 DH2 F . -3.37 6.90 7.49
C6 DH2 F . -2.81 8.19 7.51
C9 DH2 F . -1.37 5.18 10.24
C10 DH2 F . -1.97 3.79 10.10
C11 DH2 F . -3.38 3.80 9.51
C14 DH2 F . -4.02 2.44 9.27
C15 DH2 F . -4.69 1.75 10.31
C16 DH2 F . -5.27 0.48 10.12
C17 DH2 F . -5.20 -0.12 8.85
C18 DH2 F . -4.53 0.57 7.78
C19 DH2 F . -3.95 1.82 8.00
O12 DH2 F . -3.49 4.67 8.31
O13 DH2 F . -0.47 5.38 11.10
O23 DH2 F . -4.45 -0.02 6.53
O24 DH2 F . -5.74 -1.35 8.58
O27 DH2 F . -1.88 3.05 11.30
O29 DH2 F . -3.24 9.15 6.65
O30 DH2 F . -0.36 7.96 10.21
FE FE G . -0.96 -2.64 2.56
#